data_3IMX
#
_entry.id   3IMX
#
_cell.length_a   45.500
_cell.length_b   90.300
_cell.length_c   116.200
_cell.angle_alpha   90.000
_cell.angle_beta   90.000
_cell.angle_gamma   90.000
#
_symmetry.space_group_name_H-M   'P 21 21 21'
#
loop_
_entity.id
_entity.type
_entity.pdbx_description
1 polymer Glucokinase
2 non-polymer alpha-D-glucopyranose
3 non-polymer (2R)-3-cyclopentyl-N-(5-methoxy[1,3]thiazolo[5,4-b]pyridin-2-yl)-2-{4-[(4-methylpiperazin-1-yl)sulfonyl]phenyl}propanamide
4 non-polymer 'SODIUM ION'
5 water water
#
_entity_poly.entity_id   1
_entity_poly.type   'polypeptide(L)'
_entity_poly.pdbx_seq_one_letter_code
;GPGSMVEQILAEFQLQEEDLKKVMRRMQKEMDRGLRLETHEEASVKMLPTYVRSTPEGSEVGDFLSLDLGGTNFRVMLVK
VGEGEEGQWSVKTKHQMYSIPEDAMTGTAEMLFDYISECISDFLDKHQMKHKKLPLGFTFSFPVRHEDIDKGILLNWTKG
FKASGAEGNNVVGLLRDAIKRRGDFEMDVVAMVNDTVATMISCYYEDHQCEVGMIVGTGCNACYMEEMQNVELVEGDEGR
MCVNTEWGAFGDSGELDEFLLEYDRLVDESSANPGQQLYEKLIGGKYMGELVRLVLLRLVDENLLFHGEASEQLRTRGAF
ETRFVSQVESDTGDRKQIYNILSTLGLRPSTTDCDIVRRACESVSTRAAHMCSAGLAGVINRMRESRSEDVMRITVGVDG
SVYKLHPSFKERFHASVRRLTPSCEITFIESEEGSGRGAALVSAVACKKACMLGQ
;
_entity_poly.pdbx_strand_id   A
#
# COMPACT_ATOMS: atom_id res chain seq x y z
N GLY A 1 24.15 7.39 -23.55
CA GLY A 1 25.39 7.41 -24.41
C GLY A 1 25.25 8.41 -25.56
N PRO A 2 26.00 8.22 -26.65
CA PRO A 2 25.95 9.14 -27.80
C PRO A 2 24.61 9.10 -28.53
N GLY A 3 24.30 10.16 -29.27
CA GLY A 3 23.07 10.22 -30.02
C GLY A 3 21.77 10.10 -29.21
N SER A 4 21.82 10.51 -27.95
CA SER A 4 20.62 10.43 -27.10
C SER A 4 19.45 11.23 -27.67
N MET A 5 18.25 10.65 -27.58
CA MET A 5 17.02 11.27 -28.05
C MET A 5 15.96 11.10 -26.95
N VAL A 6 15.03 12.05 -26.87
CA VAL A 6 13.99 11.95 -25.86
C VAL A 6 13.25 10.60 -25.92
N GLU A 7 12.76 10.23 -27.09
CA GLU A 7 12.04 8.96 -27.20
C GLU A 7 12.85 7.73 -26.79
N GLN A 8 14.14 7.72 -27.15
CA GLN A 8 15.02 6.60 -26.82
C GLN A 8 15.22 6.47 -25.30
N ILE A 9 15.30 7.62 -24.64
CA ILE A 9 15.51 7.62 -23.20
C ILE A 9 14.25 7.19 -22.44
N LEU A 10 13.10 7.67 -22.88
CA LEU A 10 11.84 7.36 -22.21
C LEU A 10 11.40 5.95 -22.53
N ALA A 11 11.87 5.44 -23.68
CA ALA A 11 11.52 4.09 -24.08
C ALA A 11 12.16 3.04 -23.19
N GLU A 12 13.20 3.39 -22.45
CA GLU A 12 13.84 2.42 -21.54
C GLU A 12 12.84 1.88 -20.53
N PHE A 13 11.78 2.66 -20.25
CA PHE A 13 10.76 2.25 -19.28
C PHE A 13 9.75 1.24 -19.77
N GLN A 14 9.73 1.01 -21.08
CA GLN A 14 8.78 0.07 -21.65
C GLN A 14 8.97 -1.32 -21.10
N LEU A 15 7.86 -2.05 -21.06
CA LEU A 15 7.82 -3.42 -20.61
C LEU A 15 6.88 -4.10 -21.59
N GLN A 16 7.39 -5.09 -22.29
CA GLN A 16 6.60 -5.82 -23.27
C GLN A 16 5.83 -6.90 -22.53
N GLU A 17 4.79 -7.44 -23.16
CA GLU A 17 3.94 -8.45 -22.53
C GLU A 17 4.78 -9.63 -22.05
N GLU A 18 5.81 -9.99 -22.79
CA GLU A 18 6.64 -11.09 -22.40
C GLU A 18 7.39 -10.71 -21.11
N ASP A 19 7.70 -9.42 -20.97
CA ASP A 19 8.38 -8.96 -19.76
C ASP A 19 7.41 -9.06 -18.58
N LEU A 20 6.18 -8.61 -18.77
CA LEU A 20 5.20 -8.66 -17.69
C LEU A 20 4.89 -10.08 -17.24
N LYS A 21 4.78 -11.00 -18.20
CA LYS A 21 4.51 -12.42 -17.88
C LYS A 21 5.65 -13.03 -17.10
N LYS A 22 6.87 -12.61 -17.40
CA LYS A 22 8.06 -13.10 -16.69
C LYS A 22 8.04 -12.56 -15.23
N VAL A 23 7.71 -11.27 -15.06
CA VAL A 23 7.61 -10.67 -13.73
C VAL A 23 6.54 -11.42 -12.95
N MET A 24 5.42 -11.69 -13.60
CA MET A 24 4.27 -12.37 -13.01
C MET A 24 4.62 -13.79 -12.52
N ARG A 25 5.26 -14.57 -13.37
CA ARG A 25 5.63 -15.93 -13.00
C ARG A 25 6.66 -15.94 -11.87
N ARG A 26 7.56 -14.96 -11.86
CA ARG A 26 8.54 -14.86 -10.76
C ARG A 26 7.85 -14.48 -9.46
N MET A 27 6.81 -13.64 -9.54
CA MET A 27 6.07 -13.25 -8.34
C MET A 27 5.38 -14.48 -7.78
N GLN A 28 4.82 -15.32 -8.66
CA GLN A 28 4.14 -16.54 -8.21
C GLN A 28 5.14 -17.51 -7.55
N LYS A 29 6.36 -17.55 -8.09
CA LYS A 29 7.38 -18.41 -7.52
C LYS A 29 7.77 -17.88 -6.13
N GLU A 30 7.90 -16.56 -5.99
CA GLU A 30 8.26 -16.02 -4.68
C GLU A 30 7.13 -16.18 -3.66
N MET A 31 5.89 -16.14 -4.14
CA MET A 31 4.74 -16.30 -3.25
C MET A 31 4.75 -17.71 -2.68
N ASP A 32 5.01 -18.69 -3.54
CA ASP A 32 5.06 -20.08 -3.09
C ASP A 32 6.18 -20.25 -2.09
N ARG A 33 7.32 -19.61 -2.34
CA ARG A 33 8.44 -19.69 -1.42
C ARG A 33 8.16 -19.07 -0.05
N GLY A 34 7.37 -18.01 -0.01
CA GLY A 34 7.07 -17.39 1.28
C GLY A 34 6.05 -18.18 2.10
N LEU A 35 5.24 -18.98 1.41
CA LEU A 35 4.23 -19.81 2.05
C LEU A 35 4.73 -21.15 2.64
N ARG A 36 5.79 -21.70 2.08
CA ARG A 36 6.34 -22.98 2.56
C ARG A 36 7.32 -22.83 3.73
N LEU A 37 7.13 -23.66 4.76
CA LEU A 37 7.99 -23.64 5.93
C LEU A 37 9.48 -23.73 5.61
N GLU A 38 9.85 -24.49 4.59
CA GLU A 38 11.26 -24.67 4.21
C GLU A 38 11.98 -23.39 3.73
N THR A 39 11.29 -22.60 2.92
CA THR A 39 11.87 -21.40 2.34
C THR A 39 11.36 -20.07 2.91
N HIS A 40 10.46 -20.11 3.88
CA HIS A 40 9.92 -18.87 4.42
C HIS A 40 10.93 -17.86 4.93
N GLU A 41 11.85 -18.30 5.79
CA GLU A 41 12.85 -17.41 6.38
C GLU A 41 13.72 -16.64 5.38
N GLU A 42 13.98 -17.24 4.22
CA GLU A 42 14.81 -16.63 3.17
C GLU A 42 14.01 -16.00 2.03
N ALA A 43 12.69 -16.14 2.08
CA ALA A 43 11.81 -15.61 1.04
C ALA A 43 11.82 -14.09 1.03
N SER A 44 11.82 -13.49 -0.16
CA SER A 44 11.79 -12.03 -0.27
C SER A 44 10.33 -11.59 -0.03
N VAL A 45 9.37 -12.32 -0.58
CA VAL A 45 7.95 -12.03 -0.39
C VAL A 45 7.56 -12.91 0.80
N LYS A 46 7.29 -12.28 1.94
CA LYS A 46 7.01 -13.02 3.18
C LYS A 46 5.69 -13.78 3.36
N MET A 47 4.66 -13.41 2.60
CA MET A 47 3.36 -14.11 2.69
C MET A 47 2.97 -14.35 4.14
N LEU A 48 2.89 -13.27 4.90
CA LEU A 48 2.57 -13.33 6.30
C LEU A 48 1.13 -13.70 6.66
N PRO A 49 0.93 -14.78 7.45
CA PRO A 49 -0.44 -15.17 7.84
C PRO A 49 -0.99 -14.02 8.70
N THR A 50 -2.27 -13.68 8.52
CA THR A 50 -2.91 -12.58 9.24
C THR A 50 -3.84 -13.03 10.37
N TYR A 51 -4.16 -14.32 10.38
CA TYR A 51 -5.09 -14.91 11.35
C TYR A 51 -6.54 -14.44 11.17
N VAL A 52 -6.81 -13.84 10.01
CA VAL A 52 -8.17 -13.41 9.69
C VAL A 52 -8.70 -14.56 8.84
N ARG A 53 -9.72 -15.26 9.34
CA ARG A 53 -10.28 -16.41 8.66
C ARG A 53 -11.65 -16.21 8.00
N SER A 54 -11.95 -17.09 7.06
CA SER A 54 -13.22 -17.03 6.35
C SER A 54 -14.32 -17.73 7.12
N THR A 55 -13.96 -18.50 8.16
CA THR A 55 -14.93 -19.30 8.88
C THR A 55 -15.97 -18.75 9.85
N PRO A 56 -15.71 -17.61 10.52
CA PRO A 56 -16.74 -17.10 11.44
C PRO A 56 -18.11 -17.00 10.76
N GLU A 57 -19.14 -17.51 11.42
CA GLU A 57 -20.50 -17.50 10.87
C GLU A 57 -21.44 -16.41 11.40
N GLY A 58 -21.02 -15.65 12.40
CA GLY A 58 -21.90 -14.62 12.90
C GLY A 58 -21.19 -13.32 13.25
N SER A 59 -21.95 -12.25 13.41
CA SER A 59 -21.35 -10.98 13.80
C SER A 59 -22.32 -10.31 14.75
N GLU A 60 -22.21 -9.01 14.93
CA GLU A 60 -23.09 -8.33 15.87
C GLU A 60 -23.10 -6.81 15.70
N VAL A 61 -24.14 -6.21 16.26
CA VAL A 61 -24.28 -4.75 16.25
C VAL A 61 -23.44 -4.18 17.40
N GLY A 62 -23.33 -2.85 17.44
CA GLY A 62 -22.59 -2.21 18.51
C GLY A 62 -21.74 -1.05 18.03
N ASP A 63 -20.96 -0.49 18.95
CA ASP A 63 -20.08 0.63 18.62
C ASP A 63 -18.66 0.09 18.60
N PHE A 64 -17.94 0.41 17.52
CA PHE A 64 -16.58 -0.07 17.35
C PHE A 64 -15.61 1.05 16.91
N LEU A 65 -14.46 1.10 17.56
CA LEU A 65 -13.47 2.11 17.26
C LEU A 65 -12.46 1.52 16.27
N SER A 66 -11.80 2.40 15.53
CA SER A 66 -10.80 1.99 14.57
C SER A 66 -9.65 3.01 14.59
N LEU A 67 -8.42 2.50 14.55
CA LEU A 67 -7.20 3.32 14.52
C LEU A 67 -6.53 2.91 13.21
N ASP A 68 -6.14 3.88 12.41
CA ASP A 68 -5.51 3.54 11.15
C ASP A 68 -4.22 4.35 11.11
N LEU A 69 -3.12 3.64 11.27
CA LEU A 69 -1.81 4.26 11.32
C LEU A 69 -0.91 3.92 10.13
N GLY A 70 -0.54 4.95 9.38
CA GLY A 70 0.34 4.83 8.23
C GLY A 70 1.66 5.57 8.51
N GLY A 71 2.41 5.93 7.47
CA GLY A 71 3.68 6.60 7.70
C GLY A 71 3.74 8.10 8.00
N THR A 72 2.62 8.81 7.90
CA THR A 72 2.63 10.26 8.17
C THR A 72 1.41 10.75 8.99
N ASN A 73 0.25 10.15 8.74
CA ASN A 73 -0.92 10.55 9.51
C ASN A 73 -1.62 9.32 9.99
N PHE A 74 -2.67 9.57 10.76
CA PHE A 74 -3.48 8.48 11.24
C PHE A 74 -4.85 9.05 11.52
N ARG A 75 -5.87 8.21 11.41
CA ARG A 75 -7.20 8.67 11.67
C ARG A 75 -7.89 7.72 12.62
N VAL A 76 -8.81 8.26 13.41
CA VAL A 76 -9.58 7.48 14.36
C VAL A 76 -10.99 7.49 13.80
N MET A 77 -11.68 6.37 13.95
CA MET A 77 -13.00 6.23 13.39
C MET A 77 -13.94 5.55 14.38
N LEU A 78 -15.15 6.06 14.50
CA LEU A 78 -16.15 5.44 15.35
C LEU A 78 -17.15 4.86 14.35
N VAL A 79 -17.37 3.54 14.40
CA VAL A 79 -18.29 2.87 13.49
C VAL A 79 -19.49 2.31 14.27
N LYS A 80 -20.70 2.69 13.87
CA LYS A 80 -21.88 2.17 14.56
C LYS A 80 -22.57 1.14 13.69
N VAL A 81 -22.66 -0.08 14.18
CA VAL A 81 -23.31 -1.16 13.46
C VAL A 81 -24.68 -1.38 14.10
N GLY A 82 -25.73 -1.30 13.30
CA GLY A 82 -27.07 -1.51 13.82
C GLY A 82 -27.86 -2.32 12.83
N GLU A 83 -29.18 -2.10 12.79
CA GLU A 83 -30.07 -2.79 11.86
C GLU A 83 -31.13 -1.87 11.28
N GLN A 88 -31.32 -6.52 8.13
CA GLN A 88 -30.12 -6.06 7.44
C GLN A 88 -29.24 -5.17 8.30
N TRP A 89 -27.93 -5.21 8.06
CA TRP A 89 -26.99 -4.41 8.83
C TRP A 89 -26.97 -2.97 8.35
N SER A 90 -26.74 -2.05 9.27
CA SER A 90 -26.61 -0.65 8.92
C SER A 90 -25.24 -0.26 9.51
N VAL A 91 -24.43 0.47 8.74
CA VAL A 91 -23.09 0.89 9.21
C VAL A 91 -22.92 2.39 9.03
N LYS A 92 -22.69 3.10 10.12
CA LYS A 92 -22.50 4.55 10.08
C LYS A 92 -21.17 4.87 10.73
N THR A 93 -20.39 5.75 10.10
CA THR A 93 -19.09 6.09 10.65
C THR A 93 -18.88 7.59 10.87
N LYS A 94 -17.97 7.90 11.79
CA LYS A 94 -17.54 9.26 12.12
C LYS A 94 -16.01 9.11 12.20
N HIS A 95 -15.27 10.19 11.96
CA HIS A 95 -13.83 10.08 12.01
C HIS A 95 -13.15 11.43 12.25
N GLN A 96 -11.84 11.38 12.44
CA GLN A 96 -11.02 12.55 12.67
C GLN A 96 -9.61 12.21 12.21
N MET A 97 -8.96 13.15 11.52
CA MET A 97 -7.60 12.93 11.05
C MET A 97 -6.64 13.63 12.00
N TYR A 98 -5.48 13.00 12.19
CA TYR A 98 -4.43 13.57 13.04
C TYR A 98 -3.14 13.35 12.30
N SER A 99 -2.15 14.18 12.59
CA SER A 99 -0.86 14.05 11.95
C SER A 99 0.20 13.87 13.05
N ILE A 100 1.10 12.91 12.86
CA ILE A 100 2.15 12.67 13.85
C ILE A 100 3.18 13.80 13.77
N PRO A 101 3.48 14.42 14.92
CA PRO A 101 4.45 15.52 15.06
C PRO A 101 5.84 15.20 14.54
N GLU A 102 6.84 15.86 15.11
CA GLU A 102 8.24 15.63 14.72
C GLU A 102 8.92 14.89 15.86
N ASP A 103 8.55 15.25 17.08
CA ASP A 103 9.10 14.58 18.27
C ASP A 103 8.43 13.21 18.31
N ALA A 104 8.30 12.60 17.13
CA ALA A 104 7.70 11.28 16.96
C ALA A 104 8.40 10.58 15.81
N MET A 105 8.25 11.11 14.59
CA MET A 105 8.88 10.52 13.41
C MET A 105 10.36 10.17 13.65
N THR A 106 10.96 10.84 14.62
CA THR A 106 12.36 10.60 14.97
C THR A 106 12.50 10.00 16.36
N GLY A 107 11.46 10.15 17.17
CA GLY A 107 11.47 9.63 18.53
C GLY A 107 11.19 8.14 18.69
N THR A 108 10.92 7.75 19.94
CA THR A 108 10.64 6.37 20.27
C THR A 108 9.21 5.96 19.90
N ALA A 109 8.99 4.66 19.84
CA ALA A 109 7.69 4.11 19.53
C ALA A 109 6.74 4.50 20.67
N GLU A 110 7.27 4.52 21.89
CA GLU A 110 6.49 4.88 23.07
C GLU A 110 5.97 6.31 22.98
N MET A 111 6.80 7.22 22.50
CA MET A 111 6.40 8.61 22.32
C MET A 111 5.28 8.64 21.28
N LEU A 112 5.47 7.87 20.21
CA LEU A 112 4.49 7.79 19.12
C LEU A 112 3.14 7.34 19.65
N PHE A 113 3.12 6.21 20.36
CA PHE A 113 1.87 5.68 20.85
C PHE A 113 1.22 6.49 21.96
N ASP A 114 2.03 7.22 22.71
CA ASP A 114 1.50 8.11 23.77
C ASP A 114 0.67 9.20 23.05
N TYR A 115 1.20 9.74 21.96
CA TYR A 115 0.48 10.77 21.22
C TYR A 115 -0.78 10.21 20.59
N ILE A 116 -0.68 8.99 20.05
CA ILE A 116 -1.84 8.37 19.47
C ILE A 116 -2.88 8.15 20.56
N SER A 117 -2.46 7.70 21.76
CA SER A 117 -3.40 7.46 22.86
C SER A 117 -4.07 8.75 23.38
N GLU A 118 -3.34 9.84 23.31
CA GLU A 118 -3.86 11.13 23.76
C GLU A 118 -4.94 11.56 22.75
N CYS A 119 -4.68 11.30 21.47
CA CYS A 119 -5.62 11.63 20.39
C CYS A 119 -6.90 10.80 20.45
N ILE A 120 -6.77 9.54 20.77
CA ILE A 120 -7.92 8.66 20.90
C ILE A 120 -8.69 9.10 22.16
N SER A 121 -7.97 9.48 23.20
CA SER A 121 -8.65 9.91 24.42
C SER A 121 -9.50 11.15 24.17
N ASP A 122 -8.95 12.08 23.39
CA ASP A 122 -9.63 13.31 23.03
C ASP A 122 -10.83 13.02 22.14
N PHE A 123 -10.66 12.09 21.21
CA PHE A 123 -11.71 11.71 20.27
C PHE A 123 -12.92 11.18 21.05
N LEU A 124 -12.66 10.27 21.98
CA LEU A 124 -13.71 9.69 22.80
C LEU A 124 -14.38 10.80 23.68
N ASP A 125 -13.61 11.75 24.18
CA ASP A 125 -14.19 12.84 24.99
C ASP A 125 -15.18 13.62 24.14
N LYS A 126 -14.72 14.10 22.99
CA LYS A 126 -15.53 14.87 22.06
C LYS A 126 -16.80 14.17 21.56
N HIS A 127 -16.84 12.84 21.62
CA HIS A 127 -18.03 12.11 21.21
C HIS A 127 -18.73 11.49 22.39
N GLN A 128 -18.36 11.90 23.59
CA GLN A 128 -18.96 11.36 24.80
C GLN A 128 -18.95 9.83 24.82
N MET A 129 -17.84 9.22 24.43
CA MET A 129 -17.70 7.77 24.42
C MET A 129 -16.65 7.37 25.45
N LYS A 130 -16.60 8.08 26.56
CA LYS A 130 -15.61 7.77 27.59
C LYS A 130 -16.11 6.74 28.59
N HIS A 131 -17.39 6.83 28.97
CA HIS A 131 -18.01 5.93 29.94
C HIS A 131 -17.95 4.45 29.56
N LYS A 132 -18.33 4.16 28.31
CA LYS A 132 -18.36 2.80 27.80
C LYS A 132 -17.00 2.35 27.27
N LYS A 133 -16.56 1.16 27.70
CA LYS A 133 -15.29 0.61 27.23
C LYS A 133 -15.56 0.00 25.85
N LEU A 134 -14.90 0.54 24.83
CA LEU A 134 -15.10 0.07 23.46
C LEU A 134 -14.02 -0.83 22.90
N PRO A 135 -14.36 -1.63 21.88
CA PRO A 135 -13.38 -2.53 21.27
C PRO A 135 -12.71 -1.67 20.18
N LEU A 136 -11.45 -1.94 19.90
CA LEU A 136 -10.71 -1.20 18.90
C LEU A 136 -10.03 -2.13 17.93
N GLY A 137 -10.17 -1.81 16.63
CA GLY A 137 -9.52 -2.55 15.58
C GLY A 137 -8.37 -1.63 15.20
N PHE A 138 -7.22 -2.20 14.89
CA PHE A 138 -6.02 -1.41 14.59
C PHE A 138 -5.46 -1.72 13.21
N THR A 139 -5.46 -0.75 12.30
CA THR A 139 -4.87 -0.97 10.97
C THR A 139 -3.48 -0.33 11.05
N PHE A 140 -2.47 -1.15 10.78
CA PHE A 140 -1.07 -0.76 10.86
C PHE A 140 -0.41 -1.12 9.56
N SER A 141 -0.06 -0.10 8.77
CA SER A 141 0.50 -0.29 7.44
C SER A 141 1.97 -0.64 7.29
N PHE A 142 2.43 -1.62 8.05
CA PHE A 142 3.83 -2.04 7.98
C PHE A 142 3.92 -3.57 8.11
N PRO A 143 5.04 -4.18 7.69
CA PRO A 143 5.20 -5.64 7.76
C PRO A 143 5.17 -6.14 9.19
N VAL A 144 4.22 -7.02 9.52
CA VAL A 144 4.10 -7.54 10.89
C VAL A 144 4.00 -9.08 10.93
N ARG A 145 4.72 -9.72 11.83
CA ARG A 145 4.60 -11.17 11.94
C ARG A 145 3.57 -11.41 13.03
N HIS A 146 2.43 -11.96 12.63
CA HIS A 146 1.35 -12.21 13.58
C HIS A 146 1.46 -13.52 14.34
N GLU A 147 1.01 -13.47 15.60
CA GLU A 147 0.98 -14.65 16.45
C GLU A 147 -0.50 -14.99 16.60
N ASP A 148 -1.35 -13.98 16.41
CA ASP A 148 -2.80 -14.16 16.50
C ASP A 148 -3.45 -12.96 15.83
N ILE A 149 -4.78 -12.88 15.85
CA ILE A 149 -5.42 -11.74 15.19
C ILE A 149 -5.19 -10.41 15.95
N ASP A 150 -4.79 -10.51 17.20
CA ASP A 150 -4.56 -9.30 18.00
C ASP A 150 -3.15 -9.28 18.60
N LYS A 151 -2.21 -9.89 17.89
CA LYS A 151 -0.82 -9.94 18.37
C LYS A 151 0.16 -10.07 17.22
N GLY A 152 1.03 -9.09 17.07
CA GLY A 152 2.00 -9.13 16.02
C GLY A 152 3.21 -8.25 16.29
N ILE A 153 4.38 -8.72 15.89
CA ILE A 153 5.56 -7.93 16.13
C ILE A 153 6.03 -7.30 14.80
N LEU A 154 6.43 -6.03 14.84
CA LEU A 154 6.91 -5.33 13.64
C LEU A 154 8.23 -5.91 13.17
N LEU A 155 8.30 -6.31 11.91
CA LEU A 155 9.52 -6.87 11.31
C LEU A 155 10.51 -5.75 10.96
N ASN A 156 10.03 -4.69 10.31
CA ASN A 156 10.86 -3.55 9.97
C ASN A 156 10.01 -2.42 9.39
N TRP A 157 10.42 -1.19 9.62
CA TRP A 157 9.67 -0.06 9.07
C TRP A 157 9.90 -0.07 7.57
N THR A 158 9.01 0.58 6.83
CA THR A 158 9.13 0.70 5.38
C THR A 158 8.65 2.09 5.03
N LYS A 159 8.80 2.49 3.77
CA LYS A 159 8.35 3.81 3.33
C LYS A 159 9.08 4.96 4.05
N GLY A 160 10.27 4.65 4.57
CA GLY A 160 11.09 5.64 5.24
C GLY A 160 10.56 6.16 6.56
N PHE A 161 9.70 5.39 7.20
CA PHE A 161 9.19 5.82 8.47
C PHE A 161 10.20 5.25 9.44
N LYS A 162 10.30 5.86 10.61
CA LYS A 162 11.22 5.37 11.62
C LYS A 162 10.66 5.76 12.96
N ALA A 163 11.15 5.09 13.99
CA ALA A 163 10.76 5.30 15.36
C ALA A 163 11.43 4.11 16.04
N SER A 164 12.43 4.42 16.86
CA SER A 164 13.17 3.38 17.55
C SER A 164 12.26 2.57 18.48
N GLY A 165 12.79 1.43 18.93
CA GLY A 165 12.06 0.57 19.85
C GLY A 165 10.77 -0.03 19.33
N ALA A 166 10.59 -0.03 18.02
CA ALA A 166 9.37 -0.59 17.48
C ALA A 166 9.63 -1.94 16.80
N GLU A 167 10.66 -2.02 15.97
CA GLU A 167 10.99 -3.27 15.27
C GLU A 167 11.30 -4.37 16.29
N GLY A 168 10.73 -5.54 16.09
CA GLY A 168 10.93 -6.63 17.03
C GLY A 168 9.99 -6.61 18.22
N ASN A 169 9.16 -5.57 18.31
CA ASN A 169 8.19 -5.39 19.40
C ASN A 169 6.74 -5.71 18.99
N ASN A 170 5.93 -6.14 19.96
CA ASN A 170 4.51 -6.44 19.71
C ASN A 170 3.80 -5.09 19.60
N VAL A 171 3.39 -4.75 18.38
CA VAL A 171 2.75 -3.47 18.14
C VAL A 171 1.49 -3.29 18.97
N VAL A 172 0.72 -4.35 19.16
CA VAL A 172 -0.50 -4.24 19.93
C VAL A 172 -0.13 -3.89 21.38
N GLY A 173 0.91 -4.53 21.88
CA GLY A 173 1.34 -4.25 23.24
C GLY A 173 1.77 -2.79 23.38
N LEU A 174 2.39 -2.24 22.34
CA LEU A 174 2.81 -0.84 22.38
C LEU A 174 1.59 0.09 22.50
N LEU A 175 0.53 -0.20 21.77
CA LEU A 175 -0.66 0.63 21.84
C LEU A 175 -1.34 0.40 23.18
N ARG A 176 -1.34 -0.85 23.62
CA ARG A 176 -1.96 -1.21 24.89
C ARG A 176 -1.24 -0.53 26.06
N ASP A 177 0.09 -0.54 26.03
CA ASP A 177 0.88 0.08 27.08
C ASP A 177 0.55 1.58 27.18
N ALA A 178 0.55 2.27 26.03
CA ALA A 178 0.26 3.70 25.99
C ALA A 178 -1.15 4.00 26.53
N ILE A 179 -2.14 3.21 26.12
CA ILE A 179 -3.49 3.43 26.61
C ILE A 179 -3.44 3.31 28.12
N LYS A 180 -2.60 2.38 28.57
CA LYS A 180 -2.44 2.13 29.99
C LYS A 180 -1.86 3.34 30.72
N ARG A 181 -0.74 3.85 30.23
CA ARG A 181 -0.09 5.01 30.83
C ARG A 181 -1.03 6.19 30.96
N ARG A 182 -2.01 6.29 30.05
CA ARG A 182 -2.96 7.39 30.09
C ARG A 182 -3.85 7.16 31.30
N GLY A 183 -4.24 5.91 31.48
CA GLY A 183 -5.07 5.53 32.61
C GLY A 183 -6.36 6.28 32.87
N ASP A 184 -6.85 7.06 31.91
CA ASP A 184 -8.11 7.76 32.13
C ASP A 184 -9.23 7.11 31.32
N PHE A 185 -8.92 5.95 30.72
CA PHE A 185 -9.92 5.22 29.95
C PHE A 185 -9.48 3.80 29.59
N GLU A 186 -10.47 2.92 29.43
CA GLU A 186 -10.22 1.53 29.09
C GLU A 186 -10.54 1.27 27.62
N MET A 187 -9.88 0.28 27.05
CA MET A 187 -10.09 -0.05 25.66
C MET A 187 -9.51 -1.41 25.34
N ASP A 188 -10.31 -2.23 24.69
CA ASP A 188 -9.89 -3.57 24.30
C ASP A 188 -9.46 -3.58 22.84
N VAL A 189 -8.20 -3.88 22.58
CA VAL A 189 -7.71 -3.97 21.20
C VAL A 189 -7.97 -5.42 20.82
N VAL A 190 -8.95 -5.64 19.94
CA VAL A 190 -9.37 -6.98 19.51
C VAL A 190 -8.79 -7.50 18.19
N ALA A 191 -8.06 -6.65 17.47
CA ALA A 191 -7.48 -7.06 16.21
C ALA A 191 -6.55 -6.03 15.65
N MET A 192 -5.52 -6.51 14.97
CA MET A 192 -4.59 -5.63 14.30
C MET A 192 -4.45 -6.22 12.92
N VAL A 193 -4.65 -5.39 11.90
CA VAL A 193 -4.55 -5.84 10.53
C VAL A 193 -3.74 -4.86 9.68
N ASN A 194 -3.23 -5.36 8.57
CA ASN A 194 -2.45 -4.54 7.61
C ASN A 194 -3.47 -3.72 6.80
N ASP A 195 -3.07 -2.61 6.19
CA ASP A 195 -4.04 -1.81 5.44
C ASP A 195 -4.60 -2.53 4.22
N THR A 196 -3.84 -3.48 3.67
CA THR A 196 -4.38 -4.23 2.55
C THR A 196 -5.55 -5.08 3.06
N VAL A 197 -5.37 -5.70 4.20
CA VAL A 197 -6.40 -6.56 4.82
C VAL A 197 -7.65 -5.75 5.18
N ALA A 198 -7.48 -4.63 5.88
CA ALA A 198 -8.63 -3.83 6.24
C ALA A 198 -9.37 -3.39 4.98
N THR A 199 -8.62 -3.04 3.93
CA THR A 199 -9.25 -2.61 2.69
C THR A 199 -10.06 -3.75 2.06
N MET A 200 -9.49 -4.95 2.03
CA MET A 200 -10.22 -6.07 1.47
C MET A 200 -11.49 -6.36 2.28
N ILE A 201 -11.42 -6.23 3.61
CA ILE A 201 -12.57 -6.49 4.46
C ILE A 201 -13.66 -5.45 4.30
N SER A 202 -13.27 -4.17 4.15
CA SER A 202 -14.27 -3.14 3.99
C SER A 202 -15.03 -3.37 2.66
N CYS A 203 -14.32 -3.82 1.63
CA CYS A 203 -14.99 -4.07 0.34
C CYS A 203 -15.77 -5.39 0.40
N TYR A 204 -15.24 -6.37 1.15
CA TYR A 204 -15.90 -7.66 1.28
C TYR A 204 -17.32 -7.45 1.86
N TYR A 205 -17.45 -6.50 2.77
CA TYR A 205 -18.74 -6.17 3.41
C TYR A 205 -19.79 -5.89 2.33
N GLU A 206 -19.41 -5.09 1.34
CA GLU A 206 -20.33 -4.76 0.26
C GLU A 206 -20.41 -5.78 -0.86
N ASP A 207 -19.35 -6.58 -1.05
CA ASP A 207 -19.30 -7.57 -2.12
C ASP A 207 -18.48 -8.77 -1.62
N HIS A 208 -19.17 -9.86 -1.28
CA HIS A 208 -18.52 -11.03 -0.75
C HIS A 208 -17.58 -11.76 -1.74
N GLN A 209 -17.52 -11.31 -2.99
CA GLN A 209 -16.60 -11.94 -3.90
C GLN A 209 -15.23 -11.29 -3.68
N CYS A 210 -15.16 -10.23 -2.86
CA CYS A 210 -13.85 -9.59 -2.66
C CYS A 210 -12.89 -10.40 -1.77
N GLU A 211 -11.88 -11.00 -2.38
CA GLU A 211 -10.93 -11.80 -1.60
C GLU A 211 -9.48 -11.39 -1.84
N VAL A 212 -9.32 -10.18 -2.34
CA VAL A 212 -8.00 -9.62 -2.60
C VAL A 212 -8.09 -8.15 -2.21
N GLY A 213 -7.12 -7.71 -1.42
CA GLY A 213 -7.08 -6.32 -1.01
C GLY A 213 -5.80 -5.75 -1.60
N MET A 214 -5.79 -4.47 -1.99
CA MET A 214 -4.59 -3.90 -2.56
C MET A 214 -4.46 -2.41 -2.26
N ILE A 215 -3.22 -1.95 -2.15
CA ILE A 215 -2.94 -0.56 -1.88
C ILE A 215 -1.88 -0.06 -2.85
N VAL A 216 -2.15 1.05 -3.54
CA VAL A 216 -1.14 1.67 -4.39
C VAL A 216 -1.20 3.14 -3.94
N GLY A 217 -0.44 3.43 -2.88
CA GLY A 217 -0.41 4.77 -2.32
C GLY A 217 1.04 5.12 -2.11
N THR A 218 1.39 5.55 -0.91
CA THR A 218 2.77 5.88 -0.60
C THR A 218 3.59 4.61 -0.88
N GLY A 219 3.01 3.47 -0.55
CA GLY A 219 3.65 2.18 -0.78
C GLY A 219 2.74 1.33 -1.65
N CYS A 220 3.16 0.09 -1.94
CA CYS A 220 2.35 -0.82 -2.75
C CYS A 220 2.39 -2.24 -2.14
N ASN A 221 1.22 -2.82 -1.87
CA ASN A 221 1.17 -4.15 -1.27
C ASN A 221 -0.17 -4.79 -1.57
N ALA A 222 -0.26 -6.10 -1.31
CA ALA A 222 -1.50 -6.84 -1.57
C ALA A 222 -1.68 -8.01 -0.61
N CYS A 223 -2.93 -8.33 -0.31
CA CYS A 223 -3.29 -9.46 0.55
C CYS A 223 -4.37 -10.22 -0.24
N TYR A 224 -4.58 -11.48 0.09
CA TYR A 224 -5.60 -12.31 -0.56
C TYR A 224 -5.96 -13.52 0.32
N MET A 225 -7.11 -14.13 0.06
CA MET A 225 -7.52 -15.28 0.87
C MET A 225 -6.92 -16.58 0.29
N GLU A 226 -6.06 -17.23 1.08
CA GLU A 226 -5.37 -18.46 0.68
C GLU A 226 -5.94 -19.68 1.42
N GLU A 227 -5.90 -20.84 0.76
CA GLU A 227 -6.39 -22.07 1.38
C GLU A 227 -5.51 -22.37 2.59
N MET A 228 -6.12 -22.81 3.68
CA MET A 228 -5.34 -23.09 4.86
C MET A 228 -4.28 -24.16 4.61
N GLN A 229 -4.60 -25.20 3.84
CA GLN A 229 -3.58 -26.24 3.58
C GLN A 229 -2.33 -25.65 2.92
N ASN A 230 -2.46 -24.49 2.27
CA ASN A 230 -1.28 -23.86 1.66
C ASN A 230 -0.52 -22.94 2.63
N VAL A 231 -1.17 -22.56 3.72
CA VAL A 231 -0.52 -21.71 4.70
C VAL A 231 0.20 -22.64 5.68
N GLU A 232 1.42 -23.06 5.32
CA GLU A 232 2.17 -23.96 6.19
C GLU A 232 2.55 -23.37 7.54
N LEU A 233 2.60 -22.04 7.63
CA LEU A 233 2.95 -21.41 8.90
C LEU A 233 1.87 -21.48 9.96
N VAL A 234 0.68 -21.98 9.61
CA VAL A 234 -0.38 -22.10 10.62
C VAL A 234 -1.06 -23.47 10.51
N GLU A 235 -0.93 -24.32 11.53
CA GLU A 235 -1.55 -25.64 11.48
C GLU A 235 -3.03 -25.62 11.11
N GLY A 236 -3.47 -26.59 10.30
CA GLY A 236 -4.86 -26.65 9.89
C GLY A 236 -5.03 -26.55 8.39
N ASP A 237 -6.03 -27.23 7.84
CA ASP A 237 -6.29 -27.20 6.40
C ASP A 237 -7.70 -26.73 6.10
N GLU A 238 -8.44 -26.38 7.14
CA GLU A 238 -9.84 -26.00 6.98
C GLU A 238 -10.12 -24.52 6.78
N GLY A 239 -10.78 -24.20 5.67
CA GLY A 239 -11.12 -22.81 5.38
C GLY A 239 -10.00 -22.03 4.71
N ARG A 240 -10.14 -20.72 4.73
CA ARG A 240 -9.14 -19.84 4.13
C ARG A 240 -8.70 -18.83 5.17
N MET A 241 -7.53 -18.22 4.93
CA MET A 241 -6.99 -17.23 5.84
C MET A 241 -6.30 -16.18 4.99
N CYS A 242 -6.50 -14.92 5.35
CA CYS A 242 -5.92 -13.85 4.57
C CYS A 242 -4.42 -13.87 4.74
N VAL A 243 -3.70 -13.57 3.67
CA VAL A 243 -2.26 -13.56 3.70
C VAL A 243 -1.78 -12.20 3.21
N ASN A 244 -0.93 -11.56 4.00
CA ASN A 244 -0.35 -10.26 3.66
C ASN A 244 0.95 -10.57 2.93
N THR A 245 0.93 -10.46 1.61
CA THR A 245 2.10 -10.77 0.80
C THR A 245 3.33 -9.94 1.09
N GLU A 246 3.14 -8.65 1.40
CA GLU A 246 4.24 -7.71 1.59
C GLU A 246 5.07 -7.82 0.32
N TRP A 247 4.37 -7.84 -0.81
CA TRP A 247 5.04 -7.97 -2.09
C TRP A 247 5.93 -6.79 -2.47
N GLY A 248 5.96 -5.76 -1.65
CA GLY A 248 6.81 -4.63 -1.96
C GLY A 248 8.27 -5.02 -1.92
N ALA A 249 8.58 -6.10 -1.19
CA ALA A 249 9.97 -6.56 -1.06
C ALA A 249 10.35 -7.54 -2.17
N PHE A 250 9.42 -7.77 -3.09
CA PHE A 250 9.68 -8.63 -4.24
C PHE A 250 10.87 -7.96 -4.95
N GLY A 251 11.84 -8.76 -5.41
CA GLY A 251 13.02 -8.24 -6.08
C GLY A 251 14.20 -8.07 -5.14
N ASP A 252 13.93 -8.05 -3.83
CA ASP A 252 14.99 -7.90 -2.84
C ASP A 252 15.97 -9.09 -2.84
N SER A 253 15.68 -10.12 -3.63
CA SER A 253 16.57 -11.29 -3.72
C SER A 253 17.18 -11.32 -5.12
N GLY A 254 16.98 -10.23 -5.87
CA GLY A 254 17.51 -10.14 -7.21
C GLY A 254 16.56 -10.50 -8.35
N GLU A 255 15.33 -10.88 -8.02
CA GLU A 255 14.34 -11.29 -9.03
C GLU A 255 13.98 -10.25 -10.09
N LEU A 256 14.26 -8.98 -9.83
CA LEU A 256 13.95 -7.93 -10.81
C LEU A 256 15.18 -7.29 -11.41
N ASP A 257 16.35 -7.81 -11.05
CA ASP A 257 17.61 -7.25 -11.55
C ASP A 257 17.69 -6.91 -13.03
N GLU A 258 17.10 -7.74 -13.89
CA GLU A 258 17.18 -7.45 -15.31
C GLU A 258 16.27 -6.32 -15.78
N PHE A 259 15.38 -5.86 -14.91
CA PHE A 259 14.44 -4.79 -15.28
C PHE A 259 14.82 -3.43 -14.72
N LEU A 260 15.60 -3.44 -13.64
CA LEU A 260 16.04 -2.23 -12.95
C LEU A 260 16.84 -1.29 -13.83
N LEU A 261 16.49 0.00 -13.80
CA LEU A 261 17.16 1.01 -14.59
C LEU A 261 18.07 1.83 -13.68
N GLU A 262 18.95 2.64 -14.26
CA GLU A 262 19.82 3.45 -13.41
C GLU A 262 19.00 4.32 -12.46
N TYR A 263 17.88 4.86 -12.93
CA TYR A 263 17.06 5.71 -12.07
C TYR A 263 16.61 4.93 -10.83
N ASP A 264 16.32 3.64 -11.00
CA ASP A 264 15.88 2.81 -9.88
C ASP A 264 17.00 2.56 -8.87
N ARG A 265 18.21 2.34 -9.36
CA ARG A 265 19.34 2.11 -8.46
C ARG A 265 19.59 3.41 -7.68
N LEU A 266 19.57 4.55 -8.35
CA LEU A 266 19.77 5.83 -7.67
C LEU A 266 18.72 6.09 -6.56
N VAL A 267 17.45 5.81 -6.85
CA VAL A 267 16.40 6.02 -5.85
C VAL A 267 16.63 5.09 -4.64
N ASP A 268 17.03 3.85 -4.91
CA ASP A 268 17.29 2.88 -3.86
C ASP A 268 18.53 3.27 -3.04
N GLU A 269 19.62 3.55 -3.73
CA GLU A 269 20.86 3.95 -3.10
C GLU A 269 20.66 5.09 -2.11
N SER A 270 19.86 6.09 -2.49
CA SER A 270 19.63 7.24 -1.61
C SER A 270 18.43 7.15 -0.68
N SER A 271 17.72 6.02 -0.68
CA SER A 271 16.53 5.86 0.17
C SER A 271 16.91 5.56 1.61
N ALA A 272 15.91 5.53 2.49
CA ALA A 272 16.17 5.23 3.89
C ALA A 272 16.31 3.74 4.13
N ASN A 273 16.11 2.93 3.09
CA ASN A 273 16.19 1.48 3.27
C ASN A 273 16.79 0.81 2.05
N PRO A 274 18.06 1.11 1.76
CA PRO A 274 18.74 0.53 0.60
C PRO A 274 18.70 -0.99 0.50
N GLY A 275 18.38 -1.45 -0.71
CA GLY A 275 18.31 -2.88 -0.97
C GLY A 275 17.00 -3.52 -0.56
N GLN A 276 16.11 -2.74 0.06
CA GLN A 276 14.81 -3.22 0.50
C GLN A 276 13.62 -2.60 -0.27
N GLN A 277 12.50 -3.33 -0.29
CA GLN A 277 11.28 -2.88 -0.95
C GLN A 277 11.51 -2.45 -2.39
N LEU A 278 12.25 -3.23 -3.17
CA LEU A 278 12.56 -2.83 -4.54
C LEU A 278 11.41 -2.77 -5.55
N TYR A 279 10.45 -3.67 -5.42
CA TYR A 279 9.29 -3.70 -6.32
C TYR A 279 8.43 -2.48 -6.03
N GLU A 280 8.26 -2.20 -4.74
CA GLU A 280 7.50 -1.06 -4.28
C GLU A 280 8.16 0.23 -4.77
N LYS A 281 9.49 0.23 -4.92
CA LYS A 281 10.16 1.45 -5.35
C LYS A 281 9.93 1.76 -6.82
N LEU A 282 9.37 0.80 -7.53
CA LEU A 282 9.08 0.96 -8.95
C LEU A 282 7.67 1.49 -9.14
N ILE A 283 6.88 1.44 -8.07
CA ILE A 283 5.45 1.79 -8.12
C ILE A 283 4.94 2.86 -7.17
N GLY A 284 5.31 2.72 -5.89
CA GLY A 284 4.85 3.61 -4.84
C GLY A 284 4.93 5.11 -4.99
N GLY A 285 3.93 5.81 -4.46
CA GLY A 285 3.93 7.26 -4.55
C GLY A 285 5.07 7.86 -3.76
N LYS A 286 5.70 7.07 -2.90
CA LYS A 286 6.84 7.57 -2.15
C LYS A 286 8.01 7.79 -3.09
N TYR A 287 8.06 7.02 -4.18
CA TYR A 287 9.16 7.09 -5.11
C TYR A 287 8.86 7.57 -6.53
N MET A 288 7.58 7.58 -6.92
CA MET A 288 7.25 7.99 -8.27
C MET A 288 7.79 9.36 -8.68
N GLY A 289 7.52 10.39 -7.88
CA GLY A 289 8.02 11.72 -8.18
C GLY A 289 9.54 11.80 -8.28
N GLU A 290 10.25 11.11 -7.40
CA GLU A 290 11.72 11.11 -7.40
C GLU A 290 12.28 10.47 -8.69
N LEU A 291 11.62 9.40 -9.16
CA LEU A 291 12.00 8.74 -10.42
C LEU A 291 11.84 9.72 -11.58
N VAL A 292 10.73 10.45 -11.62
CA VAL A 292 10.53 11.42 -12.70
C VAL A 292 11.58 12.52 -12.61
N ARG A 293 11.98 12.89 -11.39
CA ARG A 293 12.97 13.95 -11.21
C ARG A 293 14.31 13.52 -11.80
N LEU A 294 14.72 12.27 -11.56
CA LEU A 294 15.98 11.76 -12.08
C LEU A 294 15.94 11.65 -13.60
N VAL A 295 14.76 11.34 -14.13
CA VAL A 295 14.59 11.24 -15.58
C VAL A 295 14.71 12.62 -16.20
N LEU A 296 14.09 13.62 -15.57
CA LEU A 296 14.19 14.98 -16.09
C LEU A 296 15.62 15.50 -16.03
N LEU A 297 16.34 15.15 -14.97
CA LEU A 297 17.74 15.60 -14.83
C LEU A 297 18.59 14.95 -15.94
N ARG A 298 18.27 13.72 -16.27
CA ARG A 298 18.99 13.00 -17.31
C ARG A 298 18.75 13.74 -18.63
N LEU A 299 17.49 14.08 -18.87
CA LEU A 299 17.14 14.79 -20.08
C LEU A 299 17.90 16.14 -20.13
N VAL A 300 17.97 16.89 -19.02
CA VAL A 300 18.70 18.16 -19.12
C VAL A 300 20.21 17.97 -19.26
N ASP A 301 20.78 16.94 -18.63
CA ASP A 301 22.23 16.72 -18.77
C ASP A 301 22.59 16.40 -20.23
N GLU A 302 21.62 15.87 -20.96
CA GLU A 302 21.79 15.54 -22.39
C GLU A 302 21.36 16.72 -23.25
N ASN A 303 21.06 17.85 -22.62
CA ASN A 303 20.66 19.07 -23.34
C ASN A 303 19.41 18.89 -24.19
N LEU A 304 18.48 18.10 -23.67
CA LEU A 304 17.24 17.80 -24.36
C LEU A 304 16.05 18.44 -23.65
N LEU A 305 16.30 19.12 -22.54
CA LEU A 305 15.21 19.71 -21.78
C LEU A 305 15.69 20.96 -21.09
N PHE A 306 14.85 21.99 -21.06
CA PHE A 306 15.20 23.25 -20.40
C PHE A 306 16.56 23.78 -20.90
N HIS A 307 16.86 23.52 -22.18
CA HIS A 307 18.11 23.95 -22.79
C HIS A 307 19.31 23.60 -21.89
N GLY A 308 19.24 22.42 -21.26
CA GLY A 308 20.33 21.94 -20.43
C GLY A 308 20.59 22.55 -19.07
N GLU A 309 19.68 23.43 -18.63
CA GLU A 309 19.86 24.07 -17.34
C GLU A 309 18.68 23.78 -16.41
N ALA A 310 18.98 23.12 -15.31
CA ALA A 310 17.96 22.78 -14.31
C ALA A 310 17.99 23.87 -13.25
N SER A 311 16.99 23.86 -12.38
CA SER A 311 16.89 24.83 -11.29
C SER A 311 17.41 24.18 -10.01
N GLU A 312 17.57 25.02 -8.98
CA GLU A 312 18.04 24.56 -7.68
C GLU A 312 17.02 23.56 -7.14
N GLN A 313 15.74 23.95 -7.16
CA GLN A 313 14.68 23.06 -6.68
C GLN A 313 14.72 21.71 -7.41
N LEU A 314 14.80 21.73 -8.73
CA LEU A 314 14.80 20.49 -9.51
C LEU A 314 15.96 19.58 -9.13
N ARG A 315 17.08 20.19 -8.72
CA ARG A 315 18.25 19.41 -8.35
C ARG A 315 18.33 18.96 -6.89
N THR A 316 17.23 19.11 -6.13
CA THR A 316 17.23 18.65 -4.75
C THR A 316 16.27 17.45 -4.62
N ARG A 317 16.74 16.38 -3.97
CA ARG A 317 15.92 15.19 -3.80
C ARG A 317 14.60 15.48 -3.13
N GLY A 318 13.55 14.82 -3.62
CA GLY A 318 12.21 14.98 -3.08
C GLY A 318 11.44 16.18 -3.56
N ALA A 319 12.08 17.07 -4.32
CA ALA A 319 11.41 18.26 -4.80
C ALA A 319 10.30 17.95 -5.81
N PHE A 320 10.38 16.83 -6.52
CA PHE A 320 9.33 16.53 -7.50
C PHE A 320 8.38 15.51 -6.87
N GLU A 321 7.34 16.02 -6.25
CA GLU A 321 6.37 15.19 -5.55
C GLU A 321 5.54 14.35 -6.52
N THR A 322 5.06 13.20 -6.07
CA THR A 322 4.23 12.36 -6.91
C THR A 322 2.94 13.14 -7.23
N ARG A 323 2.55 14.04 -6.32
CA ARG A 323 1.37 14.87 -6.53
C ARG A 323 1.56 15.68 -7.82
N PHE A 324 2.79 16.08 -8.09
CA PHE A 324 3.11 16.84 -9.29
C PHE A 324 2.96 15.96 -10.54
N VAL A 325 3.34 14.70 -10.42
CA VAL A 325 3.24 13.80 -11.57
C VAL A 325 1.79 13.70 -12.00
N SER A 326 0.92 13.47 -11.02
CA SER A 326 -0.51 13.37 -11.27
C SER A 326 -1.08 14.65 -11.91
N GLN A 327 -0.64 15.80 -11.43
CA GLN A 327 -1.13 17.06 -12.00
C GLN A 327 -0.66 17.23 -13.44
N VAL A 328 0.59 16.87 -13.70
CA VAL A 328 1.10 16.98 -15.06
C VAL A 328 0.26 16.15 -16.01
N GLU A 329 -0.06 14.91 -15.62
CA GLU A 329 -0.85 14.03 -16.47
C GLU A 329 -2.35 14.37 -16.58
N SER A 330 -2.79 15.38 -15.82
CA SER A 330 -4.19 15.79 -15.89
C SER A 330 -4.35 16.94 -16.89
N ASP A 331 -3.23 17.44 -17.42
CA ASP A 331 -3.24 18.56 -18.37
C ASP A 331 -4.24 18.31 -19.51
N THR A 332 -5.02 19.33 -19.85
CA THR A 332 -6.05 19.23 -20.90
C THR A 332 -5.45 19.30 -22.28
N GLY A 333 -4.27 19.92 -22.39
CA GLY A 333 -3.64 20.02 -23.69
C GLY A 333 -3.08 21.40 -23.91
N ASP A 334 -3.38 22.30 -22.98
CA ASP A 334 -2.94 23.68 -23.06
C ASP A 334 -1.70 23.97 -22.22
N ARG A 335 -1.17 22.93 -21.57
CA ARG A 335 0.03 23.02 -20.75
C ARG A 335 -0.09 23.81 -19.45
N LYS A 336 -1.28 24.30 -19.13
CA LYS A 336 -1.44 25.08 -17.90
C LYS A 336 -1.17 24.28 -16.63
N GLN A 337 -1.66 23.04 -16.58
CA GLN A 337 -1.42 22.22 -15.39
C GLN A 337 0.07 21.98 -15.28
N ILE A 338 0.71 21.71 -16.41
CA ILE A 338 2.14 21.44 -16.40
C ILE A 338 2.94 22.68 -16.02
N TYR A 339 2.66 23.81 -16.66
CA TYR A 339 3.37 25.05 -16.38
C TYR A 339 3.30 25.43 -14.90
N ASN A 340 2.12 25.27 -14.30
CA ASN A 340 1.88 25.59 -12.89
C ASN A 340 2.85 24.80 -12.01
N ILE A 341 3.21 23.60 -12.44
CA ILE A 341 4.14 22.77 -11.67
C ILE A 341 5.59 23.21 -11.88
N LEU A 342 5.99 23.35 -13.14
CA LEU A 342 7.36 23.72 -13.46
C LEU A 342 7.76 25.10 -12.99
N SER A 343 6.87 26.07 -13.20
CA SER A 343 7.17 27.43 -12.77
C SER A 343 7.42 27.46 -11.26
N THR A 344 6.58 26.78 -10.48
CA THR A 344 6.77 26.78 -9.04
C THR A 344 8.08 26.09 -8.61
N LEU A 345 8.75 25.40 -9.53
CA LEU A 345 10.02 24.74 -9.23
C LEU A 345 11.23 25.56 -9.70
N GLY A 346 10.99 26.83 -10.02
CA GLY A 346 12.08 27.70 -10.45
C GLY A 346 12.51 27.50 -11.88
N LEU A 347 11.58 27.08 -12.73
CA LEU A 347 11.87 26.83 -14.14
C LEU A 347 11.12 27.78 -15.06
N ARG A 348 11.74 28.11 -16.20
CA ARG A 348 11.15 28.99 -17.22
C ARG A 348 10.98 28.12 -18.46
N PRO A 349 10.10 27.11 -18.38
CA PRO A 349 9.83 26.17 -19.47
C PRO A 349 9.15 26.67 -20.73
N SER A 350 9.53 26.07 -21.86
CA SER A 350 8.95 26.36 -23.15
C SER A 350 7.76 25.40 -23.27
N THR A 351 6.91 25.60 -24.28
CA THR A 351 5.78 24.71 -24.46
C THR A 351 6.28 23.29 -24.75
N THR A 352 7.36 23.19 -25.51
CA THR A 352 7.96 21.89 -25.80
C THR A 352 8.44 21.23 -24.49
N ASP A 353 9.08 22.00 -23.62
CA ASP A 353 9.59 21.47 -22.35
C ASP A 353 8.43 20.81 -21.59
N CYS A 354 7.29 21.51 -21.53
CA CYS A 354 6.12 21.01 -20.84
C CYS A 354 5.68 19.66 -21.43
N ASP A 355 5.66 19.56 -22.75
CA ASP A 355 5.25 18.32 -23.42
C ASP A 355 6.21 17.18 -23.13
N ILE A 356 7.50 17.49 -23.04
CA ILE A 356 8.51 16.48 -22.74
C ILE A 356 8.34 16.01 -21.30
N VAL A 357 8.05 16.96 -20.41
CA VAL A 357 7.86 16.63 -19.01
C VAL A 357 6.65 15.72 -18.89
N ARG A 358 5.60 15.98 -19.66
CA ARG A 358 4.44 15.11 -19.58
C ARG A 358 4.75 13.69 -20.10
N ARG A 359 5.46 13.59 -21.23
CA ARG A 359 5.75 12.25 -21.73
C ARG A 359 6.64 11.46 -20.77
N ALA A 360 7.51 12.17 -20.03
CA ALA A 360 8.36 11.50 -19.06
C ALA A 360 7.52 10.98 -17.89
N CYS A 361 6.56 11.78 -17.43
CA CYS A 361 5.71 11.36 -16.32
C CYS A 361 4.94 10.10 -16.76
N GLU A 362 4.43 10.12 -17.98
CA GLU A 362 3.66 9.00 -18.51
C GLU A 362 4.48 7.73 -18.61
N SER A 363 5.76 7.88 -18.98
CA SER A 363 6.65 6.73 -19.10
C SER A 363 6.85 6.07 -17.76
N VAL A 364 7.09 6.88 -16.74
CA VAL A 364 7.29 6.36 -15.38
C VAL A 364 5.98 5.83 -14.77
N SER A 365 4.89 6.58 -14.91
CA SER A 365 3.65 6.10 -14.31
C SER A 365 3.06 4.90 -15.05
N THR A 366 3.29 4.81 -16.35
CA THR A 366 2.80 3.67 -17.11
C THR A 366 3.60 2.44 -16.68
N ARG A 367 4.90 2.60 -16.44
CA ARG A 367 5.67 1.44 -16.02
C ARG A 367 5.21 0.95 -14.65
N ALA A 368 4.85 1.89 -13.78
CA ALA A 368 4.39 1.55 -12.45
C ALA A 368 3.12 0.72 -12.54
N ALA A 369 2.19 1.17 -13.37
CA ALA A 369 0.92 0.48 -13.57
C ALA A 369 1.16 -0.92 -14.13
N HIS A 370 2.05 -1.03 -15.11
CA HIS A 370 2.32 -2.35 -15.68
C HIS A 370 3.02 -3.31 -14.75
N MET A 371 4.00 -2.83 -13.99
CA MET A 371 4.70 -3.66 -13.01
C MET A 371 3.69 -4.12 -11.96
N CYS A 372 2.89 -3.18 -11.47
CA CYS A 372 1.88 -3.50 -10.48
C CYS A 372 0.88 -4.54 -10.99
N SER A 373 0.52 -4.45 -12.27
CA SER A 373 -0.45 -5.39 -12.84
C SER A 373 0.08 -6.82 -12.91
N ALA A 374 1.38 -6.99 -13.11
CA ALA A 374 1.94 -8.34 -13.19
C ALA A 374 1.85 -8.97 -11.81
N GLY A 375 2.01 -8.14 -10.77
CA GLY A 375 1.92 -8.65 -9.41
C GLY A 375 0.52 -9.15 -9.13
N LEU A 376 -0.48 -8.32 -9.40
CA LEU A 376 -1.89 -8.69 -9.17
C LEU A 376 -2.30 -9.90 -10.00
N ALA A 377 -1.84 -9.93 -11.25
CA ALA A 377 -2.17 -11.05 -12.14
C ALA A 377 -1.58 -12.30 -11.51
N GLY A 378 -0.36 -12.20 -11.00
CA GLY A 378 0.28 -13.34 -10.36
C GLY A 378 -0.56 -13.88 -9.19
N VAL A 379 -1.15 -12.98 -8.41
CA VAL A 379 -1.99 -13.35 -7.28
C VAL A 379 -3.29 -14.01 -7.72
N ILE A 380 -3.96 -13.37 -8.68
CA ILE A 380 -5.23 -13.84 -9.21
C ILE A 380 -5.11 -15.17 -9.97
N ASN A 381 -4.04 -15.33 -10.74
CA ASN A 381 -3.87 -16.56 -11.47
C ASN A 381 -3.56 -17.67 -10.50
N ARG A 382 -2.81 -17.37 -9.44
CA ARG A 382 -2.51 -18.39 -8.45
C ARG A 382 -3.82 -18.86 -7.80
N MET A 383 -4.62 -17.90 -7.33
CA MET A 383 -5.91 -18.21 -6.70
C MET A 383 -6.80 -19.07 -7.60
N ARG A 384 -6.85 -18.74 -8.89
CA ARG A 384 -7.67 -19.49 -9.82
C ARG A 384 -7.30 -20.98 -9.88
N GLU A 385 -6.09 -21.31 -9.44
CA GLU A 385 -5.64 -22.69 -9.43
C GLU A 385 -6.22 -23.48 -8.26
N SER A 386 -7.10 -22.84 -7.50
CA SER A 386 -7.74 -23.50 -6.36
C SER A 386 -9.25 -23.49 -6.50
N ARG A 387 -9.73 -23.22 -7.71
CA ARG A 387 -11.16 -23.20 -7.95
C ARG A 387 -11.48 -24.01 -9.19
N SER A 388 -12.59 -24.75 -9.13
CA SER A 388 -13.00 -25.61 -10.22
C SER A 388 -13.78 -24.93 -11.33
N GLU A 389 -14.21 -23.69 -11.11
CA GLU A 389 -14.97 -22.96 -12.12
C GLU A 389 -14.12 -22.65 -13.35
N ASP A 390 -14.77 -22.54 -14.51
CA ASP A 390 -14.06 -22.23 -15.74
C ASP A 390 -13.62 -20.79 -15.60
N VAL A 391 -14.59 -19.91 -15.34
CA VAL A 391 -14.32 -18.50 -15.15
C VAL A 391 -14.40 -18.12 -13.67
N MET A 392 -13.29 -17.63 -13.12
CA MET A 392 -13.30 -17.23 -11.71
C MET A 392 -13.80 -15.81 -11.59
N ARG A 393 -14.83 -15.61 -10.77
CA ARG A 393 -15.39 -14.28 -10.52
C ARG A 393 -14.77 -13.81 -9.23
N ILE A 394 -13.97 -12.76 -9.32
CA ILE A 394 -13.30 -12.24 -8.15
C ILE A 394 -13.32 -10.73 -8.07
N THR A 395 -13.46 -10.20 -6.87
CA THR A 395 -13.47 -8.76 -6.69
C THR A 395 -12.22 -8.34 -5.94
N VAL A 396 -11.56 -7.29 -6.44
CA VAL A 396 -10.34 -6.76 -5.82
C VAL A 396 -10.65 -5.39 -5.21
N GLY A 397 -10.42 -5.25 -3.91
CA GLY A 397 -10.67 -3.97 -3.25
C GLY A 397 -9.37 -3.20 -3.30
N VAL A 398 -9.41 -1.91 -3.67
CA VAL A 398 -8.18 -1.12 -3.78
C VAL A 398 -8.27 0.28 -3.12
N ASP A 399 -7.20 0.68 -2.42
CA ASP A 399 -7.16 2.01 -1.82
C ASP A 399 -5.78 2.60 -2.18
N GLY A 400 -5.52 3.87 -1.86
CA GLY A 400 -4.22 4.44 -2.18
C GLY A 400 -4.27 5.66 -3.08
N SER A 401 -3.44 6.64 -2.75
CA SER A 401 -3.41 7.88 -3.52
C SER A 401 -3.04 7.76 -4.98
N VAL A 402 -2.16 6.83 -5.34
CA VAL A 402 -1.77 6.69 -6.75
C VAL A 402 -2.96 6.10 -7.52
N TYR A 403 -3.51 5.01 -7.00
CA TYR A 403 -4.65 4.37 -7.65
C TYR A 403 -5.82 5.34 -7.73
N LYS A 404 -6.09 6.08 -6.67
CA LYS A 404 -7.26 6.97 -6.69
C LYS A 404 -7.10 8.36 -7.30
N LEU A 405 -5.94 8.98 -7.16
CA LEU A 405 -5.75 10.34 -7.64
C LEU A 405 -4.91 10.56 -8.90
N HIS A 406 -4.24 9.52 -9.38
CA HIS A 406 -3.47 9.69 -10.61
C HIS A 406 -4.47 9.52 -11.74
N PRO A 407 -4.53 10.50 -12.65
CA PRO A 407 -5.39 10.62 -13.82
C PRO A 407 -5.69 9.40 -14.67
N SER A 408 -4.68 8.58 -14.94
CA SER A 408 -4.93 7.42 -15.80
C SER A 408 -4.27 6.11 -15.37
N PHE A 409 -3.74 6.07 -14.15
CA PHE A 409 -3.08 4.89 -13.62
C PHE A 409 -4.06 3.69 -13.56
N LYS A 410 -5.21 3.95 -12.96
CA LYS A 410 -6.28 2.96 -12.79
C LYS A 410 -6.62 2.22 -14.08
N GLU A 411 -6.86 2.95 -15.16
CA GLU A 411 -7.21 2.29 -16.41
C GLU A 411 -6.08 1.47 -17.03
N ARG A 412 -4.86 2.00 -17.03
CA ARG A 412 -3.71 1.27 -17.60
C ARG A 412 -3.53 -0.01 -16.79
N PHE A 413 -3.57 0.16 -15.47
CA PHE A 413 -3.42 -0.95 -14.53
C PHE A 413 -4.50 -2.02 -14.83
N HIS A 414 -5.77 -1.61 -14.82
CA HIS A 414 -6.85 -2.56 -15.06
C HIS A 414 -6.67 -3.34 -16.37
N ALA A 415 -6.37 -2.61 -17.44
CA ALA A 415 -6.21 -3.21 -18.76
C ALA A 415 -5.12 -4.25 -18.79
N SER A 416 -3.97 -3.91 -18.20
CA SER A 416 -2.84 -4.82 -18.16
C SER A 416 -3.16 -6.04 -17.32
N VAL A 417 -3.80 -5.83 -16.17
CA VAL A 417 -4.17 -6.98 -15.34
C VAL A 417 -5.08 -7.94 -16.11
N ARG A 418 -6.10 -7.38 -16.75
CA ARG A 418 -7.06 -8.19 -17.51
C ARG A 418 -6.42 -8.99 -18.65
N ARG A 419 -5.48 -8.39 -19.37
CA ARG A 419 -4.80 -9.08 -20.47
C ARG A 419 -4.00 -10.28 -19.95
N LEU A 420 -3.58 -10.23 -18.69
CA LEU A 420 -2.78 -11.28 -18.08
C LEU A 420 -3.59 -12.31 -17.29
N THR A 421 -4.90 -12.11 -17.19
CA THR A 421 -5.73 -13.03 -16.41
C THR A 421 -6.93 -13.63 -17.16
N PRO A 422 -6.69 -14.34 -18.27
CA PRO A 422 -7.81 -14.94 -18.99
C PRO A 422 -8.55 -15.92 -18.08
N SER A 423 -9.84 -16.11 -18.32
CA SER A 423 -10.65 -17.03 -17.52
C SER A 423 -10.95 -16.44 -16.14
N CYS A 424 -10.66 -15.16 -15.99
CA CYS A 424 -10.95 -14.48 -14.74
C CYS A 424 -11.79 -13.26 -15.05
N GLU A 425 -12.93 -13.15 -14.39
CA GLU A 425 -13.81 -12.01 -14.56
C GLU A 425 -13.55 -11.18 -13.30
N ILE A 426 -12.78 -10.11 -13.45
CA ILE A 426 -12.40 -9.25 -12.34
C ILE A 426 -13.19 -7.96 -12.20
N THR A 427 -13.60 -7.67 -10.97
CA THR A 427 -14.32 -6.45 -10.64
C THR A 427 -13.43 -5.68 -9.68
N PHE A 428 -13.14 -4.41 -9.97
CA PHE A 428 -12.32 -3.58 -9.09
C PHE A 428 -13.19 -2.63 -8.30
N ILE A 429 -12.96 -2.58 -6.99
CA ILE A 429 -13.72 -1.68 -6.12
C ILE A 429 -12.73 -0.69 -5.54
N GLU A 430 -12.98 0.60 -5.76
CA GLU A 430 -12.10 1.64 -5.23
C GLU A 430 -12.66 1.88 -3.83
N SER A 431 -11.88 1.54 -2.81
CA SER A 431 -12.33 1.67 -1.42
C SER A 431 -12.32 3.09 -0.87
N GLU A 432 -13.40 3.47 -0.19
CA GLU A 432 -13.48 4.79 0.42
C GLU A 432 -13.38 4.60 1.94
N GLU A 433 -12.25 5.03 2.50
CA GLU A 433 -11.96 4.89 3.93
C GLU A 433 -11.90 3.43 4.44
N GLY A 434 -11.68 2.50 3.52
CA GLY A 434 -11.62 1.10 3.91
C GLY A 434 -10.54 0.73 4.91
N SER A 435 -9.36 1.31 4.76
CA SER A 435 -8.28 1.01 5.68
C SER A 435 -8.78 1.19 7.11
N GLY A 436 -9.58 2.21 7.33
CA GLY A 436 -10.13 2.48 8.64
C GLY A 436 -11.39 1.71 8.98
N ARG A 437 -12.33 1.62 8.04
CA ARG A 437 -13.58 0.92 8.31
C ARG A 437 -13.37 -0.60 8.43
N GLY A 438 -12.48 -1.16 7.62
CA GLY A 438 -12.22 -2.60 7.68
C GLY A 438 -11.79 -3.07 9.07
N ALA A 439 -11.01 -2.24 9.78
CA ALA A 439 -10.57 -2.63 11.12
C ALA A 439 -11.75 -2.74 12.07
N ALA A 440 -12.69 -1.81 11.96
CA ALA A 440 -13.88 -1.83 12.79
C ALA A 440 -14.78 -3.01 12.42
N LEU A 441 -14.97 -3.26 11.13
CA LEU A 441 -15.81 -4.38 10.68
C LEU A 441 -15.25 -5.74 11.16
N VAL A 442 -13.93 -5.92 11.12
CA VAL A 442 -13.38 -7.20 11.58
C VAL A 442 -13.55 -7.33 13.11
N SER A 443 -13.48 -6.21 13.83
CA SER A 443 -13.66 -6.22 15.29
C SER A 443 -15.03 -6.75 15.70
N ALA A 444 -16.08 -6.38 14.96
CA ALA A 444 -17.43 -6.86 15.30
C ALA A 444 -17.48 -8.38 15.19
N VAL A 445 -16.91 -8.91 14.14
CA VAL A 445 -16.89 -10.36 13.98
C VAL A 445 -16.01 -10.99 15.05
N ALA A 446 -14.87 -10.37 15.36
CA ALA A 446 -13.98 -10.94 16.38
C ALA A 446 -14.61 -10.91 17.77
N CYS A 447 -15.40 -9.87 18.05
CA CYS A 447 -16.06 -9.72 19.34
C CYS A 447 -17.18 -10.75 19.46
N LYS A 448 -17.89 -10.99 18.36
CA LYS A 448 -18.97 -11.96 18.35
C LYS A 448 -18.36 -13.34 18.51
N LYS A 449 -17.28 -13.62 17.77
CA LYS A 449 -16.63 -14.92 17.83
C LYS A 449 -16.14 -15.23 19.22
N ALA A 450 -15.69 -14.20 19.94
CA ALA A 450 -15.23 -14.39 21.31
C ALA A 450 -16.45 -14.32 22.24
N CYS A 451 -17.63 -14.50 21.66
CA CYS A 451 -18.90 -14.46 22.37
C CYS A 451 -19.20 -13.09 22.95
#